data_1SEF
#
_entry.id   1SEF
#
_cell.length_a   104.984
_cell.length_b   104.984
_cell.length_c   159.720
_cell.angle_alpha   90.00
_cell.angle_beta   90.00
_cell.angle_gamma   90.00
#
_symmetry.space_group_name_H-M   'I 4 2 2'
#
loop_
_entity.id
_entity.type
_entity.pdbx_description
1 polymer 'conserved hypothetical protein'
2 water water
#
_entity_poly.entity_id   1
_entity_poly.type   'polypeptide(L)'
_entity_poly.pdbx_seq_one_letter_code
;MSLMGYKNNRVGYQKELLTSRAVIKKDNYAIIPHDGLVQNAVPGFENVDISILGSPKLGATFVDYIATFHKNGQQTTGFG
GDGIQTLVYVIDGRLRVSDGQETHELEAGGYAYFTPEMKMYLANAQEADTEVFLYKKRYQPLAGHQPYKVVGSIHDQQPE
EYEGMTDVLLWSLLPKEFDFDMNMHILSFEPGASHAYIETHVQEHGAYLISGQGMYNLDNEWYPVEKGDYIFMSAYVPQA
AYAVGREEPLMYVYSKDANREPELEGGSHHHHHH
;
_entity_poly.pdbx_strand_id   A
#
# COMPACT_ATOMS: atom_id res chain seq x y z
N LYS A 15 17.87 10.25 -27.23
CA LYS A 15 16.94 9.45 -26.39
C LYS A 15 17.46 8.03 -26.21
N GLU A 16 17.32 7.48 -25.01
CA GLU A 16 17.78 6.13 -24.75
C GLU A 16 16.91 5.07 -25.40
N LEU A 17 17.47 3.87 -25.59
CA LEU A 17 16.72 2.77 -26.18
C LEU A 17 15.52 2.49 -25.30
N LEU A 18 14.41 2.07 -25.91
CA LEU A 18 13.22 1.76 -25.16
C LEU A 18 13.35 0.41 -24.43
N THR A 19 13.55 0.48 -23.12
CA THR A 19 13.67 -0.74 -22.31
C THR A 19 12.83 -0.57 -21.05
N SER A 20 12.48 -1.68 -20.43
CA SER A 20 11.65 -1.65 -19.23
C SER A 20 11.81 -2.91 -18.42
N ARG A 21 11.89 -2.79 -17.10
CA ARG A 21 12.00 -3.98 -16.27
C ARG A 21 10.64 -4.36 -15.67
N ALA A 22 9.58 -3.81 -16.26
CA ALA A 22 8.24 -4.14 -15.80
C ALA A 22 7.95 -5.59 -16.17
N VAL A 23 7.22 -6.29 -15.31
CA VAL A 23 6.82 -7.66 -15.56
C VAL A 23 5.35 -7.69 -15.18
N ILE A 24 4.49 -7.97 -16.15
CA ILE A 24 3.06 -8.00 -15.92
C ILE A 24 2.47 -9.37 -16.27
N LYS A 25 2.02 -10.09 -15.24
CA LYS A 25 1.41 -11.40 -15.45
C LYS A 25 0.08 -11.43 -14.71
N LYS A 26 -0.97 -11.06 -15.44
CA LYS A 26 -2.33 -11.02 -14.92
C LYS A 26 -2.68 -12.20 -14.03
N ASP A 27 -3.35 -11.90 -12.91
CA ASP A 27 -3.77 -12.93 -11.96
C ASP A 27 -2.62 -13.80 -11.47
N ASN A 28 -1.41 -13.27 -11.51
CA ASN A 28 -0.23 -14.00 -11.05
C ASN A 28 0.59 -13.01 -10.21
N TYR A 29 1.30 -12.12 -10.88
CA TYR A 29 2.07 -11.10 -10.17
C TYR A 29 2.47 -10.02 -11.15
N ALA A 30 2.89 -8.89 -10.63
CA ALA A 30 3.32 -7.80 -11.46
C ALA A 30 4.33 -6.93 -10.73
N ILE A 31 5.34 -6.49 -11.47
CA ILE A 31 6.35 -5.59 -10.95
C ILE A 31 6.12 -4.38 -11.85
N ILE A 32 5.73 -3.27 -11.25
CA ILE A 32 5.45 -2.05 -12.02
C ILE A 32 6.40 -0.94 -11.57
N PRO A 33 7.52 -0.77 -12.29
CA PRO A 33 8.50 0.26 -11.96
C PRO A 33 7.91 1.66 -12.16
N HIS A 34 8.38 2.60 -11.35
CA HIS A 34 7.91 3.98 -11.43
C HIS A 34 8.08 4.57 -12.84
N ASP A 35 9.15 4.19 -13.51
CA ASP A 35 9.46 4.70 -14.86
C ASP A 35 8.39 4.53 -15.93
N GLY A 36 7.53 3.52 -15.80
CA GLY A 36 6.52 3.29 -16.82
C GLY A 36 5.15 3.87 -16.55
N LEU A 37 4.97 4.51 -15.40
CA LEU A 37 3.67 5.08 -15.06
C LEU A 37 3.28 6.31 -15.87
N VAL A 38 1.97 6.54 -15.97
CA VAL A 38 1.43 7.70 -16.66
C VAL A 38 0.40 8.31 -15.71
N GLN A 39 0.04 9.56 -15.92
CA GLN A 39 -0.94 10.22 -15.07
C GLN A 39 -2.36 9.82 -15.45
N ASN A 40 -3.16 9.41 -14.47
CA ASN A 40 -4.55 9.05 -14.71
C ASN A 40 -5.40 10.20 -14.20
N ALA A 41 -6.51 10.47 -14.88
CA ALA A 41 -7.40 11.55 -14.47
C ALA A 41 -8.43 10.92 -13.54
N VAL A 42 -8.10 10.90 -12.26
CA VAL A 42 -8.99 10.32 -11.27
C VAL A 42 -9.93 11.40 -10.76
N PRO A 43 -11.25 11.16 -10.86
CA PRO A 43 -12.25 12.13 -10.41
C PRO A 43 -11.98 12.67 -9.01
N GLY A 44 -12.10 13.98 -8.86
CA GLY A 44 -11.91 14.60 -7.56
C GLY A 44 -10.51 15.08 -7.23
N PHE A 45 -9.51 14.58 -7.94
CA PHE A 45 -8.14 15.01 -7.68
C PHE A 45 -7.73 16.22 -8.51
N GLU A 46 -7.17 17.22 -7.83
CA GLU A 46 -6.73 18.46 -8.49
C GLU A 46 -5.32 18.79 -8.02
N ASN A 47 -4.47 19.18 -8.97
CA ASN A 47 -3.09 19.53 -8.66
C ASN A 47 -2.38 18.33 -8.03
N VAL A 48 -2.71 17.14 -8.53
CA VAL A 48 -2.13 15.91 -8.04
C VAL A 48 -1.76 14.97 -9.19
N ASP A 49 -0.51 14.49 -9.19
CA ASP A 49 -0.10 13.53 -10.20
C ASP A 49 -0.41 12.19 -9.55
N ILE A 50 -1.35 11.44 -10.14
CA ILE A 50 -1.73 10.15 -9.56
C ILE A 50 -1.83 9.04 -10.60
N SER A 51 -1.27 7.88 -10.26
CA SER A 51 -1.31 6.72 -11.15
C SER A 51 -2.02 5.57 -10.48
N ILE A 52 -2.91 4.91 -11.21
CA ILE A 52 -3.63 3.76 -10.68
C ILE A 52 -2.68 2.57 -10.81
N LEU A 53 -2.45 1.87 -9.71
CA LEU A 53 -1.56 0.71 -9.72
C LEU A 53 -2.36 -0.58 -9.73
N GLY A 54 -2.43 -1.28 -8.61
CA GLY A 54 -3.21 -2.52 -8.58
C GLY A 54 -4.70 -2.26 -8.79
N SER A 55 -5.37 -3.16 -9.50
CA SER A 55 -6.80 -3.00 -9.74
C SER A 55 -7.37 -4.31 -10.27
N PRO A 56 -8.71 -4.44 -10.32
CA PRO A 56 -9.31 -5.68 -10.82
C PRO A 56 -8.76 -6.21 -12.15
N LYS A 57 -8.46 -5.32 -13.09
CA LYS A 57 -7.96 -5.77 -14.38
C LYS A 57 -6.58 -6.42 -14.31
N LEU A 58 -5.87 -6.21 -13.20
CA LEU A 58 -4.55 -6.79 -13.01
C LEU A 58 -4.76 -8.13 -12.30
N GLY A 59 -5.91 -8.25 -11.63
CA GLY A 59 -6.23 -9.46 -10.89
C GLY A 59 -6.40 -9.17 -9.40
N ALA A 60 -6.29 -7.90 -9.01
CA ALA A 60 -6.42 -7.51 -7.61
C ALA A 60 -7.88 -7.26 -7.25
N THR A 61 -8.25 -7.56 -6.02
CA THR A 61 -9.63 -7.34 -5.58
C THR A 61 -9.65 -6.08 -4.72
N PHE A 62 -9.01 -5.04 -5.24
CA PHE A 62 -8.90 -3.74 -4.59
C PHE A 62 -8.29 -2.80 -5.62
N VAL A 63 -8.12 -1.54 -5.26
CA VAL A 63 -7.49 -0.59 -6.15
C VAL A 63 -6.54 0.23 -5.30
N ASP A 64 -5.29 0.37 -5.72
CA ASP A 64 -4.38 1.21 -4.96
C ASP A 64 -3.75 2.20 -5.92
N TYR A 65 -3.20 3.27 -5.37
CA TYR A 65 -2.63 4.33 -6.18
C TYR A 65 -1.38 4.91 -5.55
N ILE A 66 -0.59 5.59 -6.38
CA ILE A 66 0.60 6.26 -5.93
C ILE A 66 0.36 7.69 -6.41
N ALA A 67 0.50 8.66 -5.52
CA ALA A 67 0.23 10.04 -5.89
C ALA A 67 1.16 11.07 -5.29
N THR A 68 1.41 12.12 -6.07
CA THR A 68 2.25 13.22 -5.61
C THR A 68 1.36 14.45 -5.58
N PHE A 69 1.04 14.91 -4.37
CA PHE A 69 0.21 16.09 -4.20
C PHE A 69 1.10 17.31 -4.37
N HIS A 70 0.74 18.21 -5.28
CA HIS A 70 1.52 19.41 -5.47
C HIS A 70 0.90 20.53 -4.63
N LYS A 71 1.40 21.74 -4.77
CA LYS A 71 0.86 22.86 -4.02
C LYS A 71 -0.62 22.98 -4.33
N ASN A 72 -1.44 23.04 -3.28
CA ASN A 72 -2.89 23.13 -3.45
C ASN A 72 -3.49 21.83 -4.00
N GLY A 73 -2.74 20.74 -3.88
CA GLY A 73 -3.24 19.46 -4.36
C GLY A 73 -4.34 18.97 -3.42
N GLN A 74 -5.39 18.38 -3.98
CA GLN A 74 -6.47 17.90 -3.12
C GLN A 74 -7.46 16.99 -3.83
N GLN A 75 -8.28 16.34 -3.01
CA GLN A 75 -9.34 15.45 -3.50
C GLN A 75 -10.54 16.15 -2.88
N THR A 76 -11.41 16.70 -3.72
CA THR A 76 -12.55 17.47 -3.25
C THR A 76 -13.93 16.82 -3.28
N THR A 77 -14.08 15.72 -4.00
CA THR A 77 -15.38 15.09 -4.10
C THR A 77 -15.66 13.93 -3.13
N GLY A 78 -14.63 13.50 -2.40
CA GLY A 78 -14.84 12.39 -1.49
C GLY A 78 -14.38 11.11 -2.15
N PHE A 79 -13.27 10.57 -1.65
CA PHE A 79 -12.66 9.37 -2.21
C PHE A 79 -13.44 8.04 -2.10
N GLY A 80 -13.50 7.42 -0.94
CA GLY A 80 -14.20 6.15 -0.85
C GLY A 80 -15.71 6.25 -0.66
N GLY A 81 -16.23 5.45 0.27
CA GLY A 81 -17.65 5.48 0.55
C GLY A 81 -18.50 4.49 -0.21
N ASP A 82 -19.79 4.48 0.12
CA ASP A 82 -20.76 3.59 -0.52
C ASP A 82 -20.32 2.13 -0.58
N GLY A 83 -19.82 1.61 0.53
CA GLY A 83 -19.40 0.23 0.58
C GLY A 83 -17.90 0.04 0.43
N ILE A 84 -17.21 1.08 -0.06
CA ILE A 84 -15.77 1.01 -0.26
C ILE A 84 -14.99 1.73 0.84
N GLN A 85 -14.16 0.97 1.54
CA GLN A 85 -13.34 1.51 2.61
C GLN A 85 -12.03 2.03 2.02
N THR A 86 -11.38 2.93 2.72
CA THR A 86 -10.16 3.52 2.20
C THR A 86 -9.05 3.69 3.23
N LEU A 87 -7.83 3.81 2.73
CA LEU A 87 -6.67 4.00 3.58
C LEU A 87 -5.63 4.77 2.82
N VAL A 88 -5.06 5.78 3.47
CA VAL A 88 -4.03 6.59 2.86
C VAL A 88 -2.80 6.53 3.77
N TYR A 89 -1.62 6.47 3.16
CA TYR A 89 -0.37 6.42 3.91
C TYR A 89 0.54 7.50 3.35
N VAL A 90 1.08 8.34 4.23
CA VAL A 90 1.97 9.41 3.76
C VAL A 90 3.41 8.92 3.71
N ILE A 91 3.95 8.82 2.50
CA ILE A 91 5.33 8.38 2.30
C ILE A 91 6.27 9.51 2.71
N ASP A 92 5.95 10.71 2.25
CA ASP A 92 6.76 11.89 2.54
C ASP A 92 5.89 13.14 2.45
N GLY A 93 6.17 14.12 3.31
CA GLY A 93 5.40 15.34 3.29
C GLY A 93 4.37 15.47 4.41
N ARG A 94 3.34 16.27 4.17
CA ARG A 94 2.27 16.50 5.14
C ARG A 94 0.94 16.47 4.42
N LEU A 95 -0.03 15.73 4.97
CA LEU A 95 -1.33 15.62 4.33
C LEU A 95 -2.47 15.87 5.31
N ARG A 96 -3.53 16.49 4.81
CA ARG A 96 -4.71 16.74 5.64
C ARG A 96 -5.80 15.80 5.11
N VAL A 97 -6.38 15.01 6.00
CA VAL A 97 -7.44 14.07 5.61
C VAL A 97 -8.67 14.37 6.45
N SER A 98 -9.84 14.36 5.80
CA SER A 98 -11.08 14.66 6.50
C SER A 98 -12.26 13.84 6.01
N ASP A 99 -13.24 13.62 6.89
CA ASP A 99 -14.44 12.88 6.53
C ASP A 99 -15.59 13.87 6.42
N GLY A 100 -15.25 15.16 6.51
CA GLY A 100 -16.25 16.21 6.43
C GLY A 100 -16.61 16.75 7.80
N GLN A 101 -16.33 15.98 8.84
CA GLN A 101 -16.62 16.40 10.21
C GLN A 101 -15.35 16.46 11.05
N GLU A 102 -14.55 15.41 11.00
CA GLU A 102 -13.31 15.39 11.76
C GLU A 102 -12.15 15.38 10.77
N THR A 103 -11.10 16.12 11.09
CA THR A 103 -9.94 16.22 10.22
C THR A 103 -8.66 15.84 10.94
N HIS A 104 -7.71 15.30 10.18
CA HIS A 104 -6.42 14.91 10.72
C HIS A 104 -5.27 15.41 9.88
N GLU A 105 -4.20 15.78 10.56
CA GLU A 105 -2.97 16.25 9.93
C GLU A 105 -2.01 15.07 10.02
N LEU A 106 -1.53 14.61 8.88
CA LEU A 106 -0.60 13.48 8.86
C LEU A 106 0.77 13.87 8.35
N GLU A 107 1.80 13.33 8.99
CA GLU A 107 3.18 13.57 8.58
C GLU A 107 3.66 12.26 7.98
N ALA A 108 4.89 12.24 7.48
CA ALA A 108 5.45 11.03 6.90
C ALA A 108 5.32 9.88 7.90
N GLY A 109 4.78 8.75 7.44
CA GLY A 109 4.62 7.62 8.33
C GLY A 109 3.22 7.60 8.93
N GLY A 110 2.47 8.68 8.71
CA GLY A 110 1.12 8.76 9.21
C GLY A 110 0.15 8.13 8.24
N TYR A 111 -1.01 7.72 8.74
CA TYR A 111 -2.01 7.09 7.89
C TYR A 111 -3.40 7.23 8.49
N ALA A 112 -4.40 7.00 7.65
CA ALA A 112 -5.79 7.08 8.09
C ALA A 112 -6.60 6.04 7.33
N TYR A 113 -7.40 5.28 8.07
CA TYR A 113 -8.27 4.27 7.50
C TYR A 113 -9.70 4.75 7.72
N PHE A 114 -10.47 4.88 6.65
CA PHE A 114 -11.86 5.30 6.74
C PHE A 114 -12.78 4.13 6.44
N THR A 115 -13.88 4.03 7.18
CA THR A 115 -14.85 2.95 7.01
C THR A 115 -15.58 3.06 5.67
N PRO A 116 -16.22 1.96 5.24
CA PRO A 116 -16.95 1.93 3.97
C PRO A 116 -18.12 2.90 3.86
N GLU A 117 -18.47 3.56 4.95
CA GLU A 117 -19.58 4.52 4.95
C GLU A 117 -19.11 5.98 4.79
N MET A 118 -17.87 6.27 5.17
CA MET A 118 -17.37 7.63 5.08
C MET A 118 -16.46 7.91 3.90
N LYS A 119 -16.64 9.08 3.29
CA LYS A 119 -15.82 9.49 2.16
C LYS A 119 -14.60 10.19 2.70
N MET A 120 -13.50 10.11 1.96
CA MET A 120 -12.26 10.72 2.37
C MET A 120 -11.91 11.92 1.49
N TYR A 121 -11.70 13.07 2.13
CA TYR A 121 -11.32 14.29 1.43
C TYR A 121 -9.87 14.53 1.78
N LEU A 122 -9.09 15.04 0.83
CA LEU A 122 -7.66 15.26 1.05
C LEU A 122 -7.16 16.62 0.59
N ALA A 123 -6.03 17.03 1.18
CA ALA A 123 -5.41 18.30 0.85
C ALA A 123 -3.97 18.28 1.31
N ASN A 124 -3.07 18.78 0.47
CA ASN A 124 -1.66 18.84 0.83
C ASN A 124 -1.62 19.79 2.03
N ALA A 125 -0.85 19.44 3.05
CA ALA A 125 -0.75 20.29 4.25
C ALA A 125 0.45 21.23 4.18
N GLN A 126 1.22 21.13 3.11
CA GLN A 126 2.39 21.99 2.90
C GLN A 126 2.39 22.44 1.44
N GLU A 127 3.33 23.32 1.10
CA GLU A 127 3.43 23.81 -0.27
C GLU A 127 4.24 22.83 -1.12
N ALA A 128 5.26 22.24 -0.51
CA ALA A 128 6.11 21.28 -1.21
C ALA A 128 5.32 20.01 -1.51
N ASP A 129 5.80 19.22 -2.47
CA ASP A 129 5.11 17.99 -2.82
C ASP A 129 5.01 17.02 -1.67
N THR A 130 3.91 16.28 -1.62
CA THR A 130 3.71 15.26 -0.58
C THR A 130 3.34 13.97 -1.30
N GLU A 131 4.11 12.92 -1.02
CA GLU A 131 3.94 11.61 -1.65
C GLU A 131 3.05 10.73 -0.78
N VAL A 132 1.98 10.20 -1.37
CA VAL A 132 1.08 9.34 -0.63
C VAL A 132 0.69 8.07 -1.39
N PHE A 133 0.39 7.02 -0.65
CA PHE A 133 -0.03 5.75 -1.23
C PHE A 133 -1.50 5.64 -0.82
N LEU A 134 -2.36 5.40 -1.81
CA LEU A 134 -3.80 5.30 -1.58
C LEU A 134 -4.33 3.89 -1.87
N TYR A 135 -5.33 3.49 -1.11
CA TYR A 135 -5.91 2.15 -1.25
C TYR A 135 -7.40 2.12 -0.94
N LYS A 136 -8.13 1.27 -1.65
CA LYS A 136 -9.56 1.12 -1.41
C LYS A 136 -9.99 -0.32 -1.70
N LYS A 137 -10.93 -0.81 -0.90
CA LYS A 137 -11.42 -2.17 -1.04
C LYS A 137 -12.88 -2.20 -0.62
N ARG A 138 -13.69 -2.94 -1.36
CA ARG A 138 -15.10 -3.06 -0.99
C ARG A 138 -15.11 -3.90 0.27
N TYR A 139 -15.76 -3.41 1.31
CA TYR A 139 -15.81 -4.12 2.58
C TYR A 139 -16.70 -5.37 2.56
N GLN A 140 -16.19 -6.45 3.14
CA GLN A 140 -16.94 -7.71 3.22
C GLN A 140 -17.40 -7.83 4.67
N PRO A 141 -18.71 -7.67 4.91
CA PRO A 141 -19.29 -7.76 6.24
C PRO A 141 -19.24 -9.15 6.87
N LEU A 142 -19.32 -9.17 8.20
CA LEU A 142 -19.29 -10.39 8.99
C LEU A 142 -20.20 -10.16 10.21
N ALA A 143 -21.16 -11.05 10.40
CA ALA A 143 -22.09 -10.94 11.52
C ALA A 143 -21.38 -10.68 12.85
N GLY A 144 -21.88 -9.72 13.60
CA GLY A 144 -21.29 -9.41 14.89
C GLY A 144 -20.08 -8.51 14.87
N HIS A 145 -19.63 -8.11 13.69
CA HIS A 145 -18.47 -7.24 13.58
C HIS A 145 -18.68 -6.05 12.67
N GLN A 146 -17.88 -5.01 12.90
CA GLN A 146 -17.98 -3.78 12.13
C GLN A 146 -16.67 -3.01 12.27
N PRO A 147 -16.15 -2.49 11.14
CA PRO A 147 -14.91 -1.73 11.22
C PRO A 147 -15.12 -0.34 11.77
N TYR A 148 -14.03 0.29 12.19
CA TYR A 148 -14.09 1.65 12.72
C TYR A 148 -12.87 2.41 12.26
N LYS A 149 -12.99 3.73 12.22
CA LYS A 149 -11.92 4.60 11.77
C LYS A 149 -10.64 4.42 12.57
N VAL A 150 -9.52 4.43 11.86
CA VAL A 150 -8.21 4.29 12.51
C VAL A 150 -7.25 5.31 11.92
N VAL A 151 -6.65 6.11 12.79
CA VAL A 151 -5.68 7.12 12.38
C VAL A 151 -4.47 6.95 13.27
N GLY A 152 -3.28 6.85 12.67
CA GLY A 152 -2.10 6.67 13.47
C GLY A 152 -0.81 7.02 12.75
N SER A 153 0.31 6.59 13.34
CA SER A 153 1.62 6.83 12.78
C SER A 153 2.56 5.69 13.16
N ILE A 154 3.34 5.23 12.20
CA ILE A 154 4.29 4.16 12.43
C ILE A 154 5.33 4.57 13.46
N HIS A 155 5.56 5.87 13.57
CA HIS A 155 6.54 6.41 14.50
C HIS A 155 6.13 6.36 15.96
N ASP A 156 4.87 6.00 16.21
CA ASP A 156 4.37 5.89 17.58
C ASP A 156 4.08 4.44 17.89
N GLN A 157 4.55 3.55 17.01
CA GLN A 157 4.31 2.13 17.19
C GLN A 157 5.60 1.32 17.28
N GLN A 158 5.60 0.33 18.14
CA GLN A 158 6.74 -0.55 18.33
C GLN A 158 6.52 -1.71 17.37
N PRO A 159 7.40 -1.88 16.37
CA PRO A 159 7.23 -2.99 15.43
C PRO A 159 7.52 -4.34 16.04
N GLU A 160 6.99 -5.39 15.43
CA GLU A 160 7.19 -6.74 15.91
C GLU A 160 8.34 -7.37 15.15
N GLU A 161 8.98 -8.37 15.76
CA GLU A 161 10.06 -9.07 15.09
C GLU A 161 9.33 -10.05 14.18
N TYR A 162 9.32 -9.76 12.87
CA TYR A 162 8.65 -10.59 11.90
C TYR A 162 9.09 -12.06 11.97
N GLU A 163 8.12 -12.94 12.18
CA GLU A 163 8.37 -14.38 12.28
C GLU A 163 9.45 -14.68 13.33
N GLY A 164 9.55 -13.84 14.35
CA GLY A 164 10.53 -14.05 15.39
C GLY A 164 11.96 -13.72 15.02
N MET A 165 12.15 -13.12 13.84
CA MET A 165 13.49 -12.76 13.39
C MET A 165 13.86 -11.37 13.88
N THR A 166 15.11 -11.20 14.28
CA THR A 166 15.57 -9.92 14.80
C THR A 166 15.95 -8.91 13.71
N ASP A 167 16.22 -9.39 12.50
CA ASP A 167 16.61 -8.49 11.41
C ASP A 167 15.48 -8.08 10.47
N VAL A 168 14.25 -8.39 10.84
CA VAL A 168 13.09 -8.03 10.02
C VAL A 168 12.00 -7.50 10.96
N LEU A 169 11.55 -6.28 10.72
CA LEU A 169 10.53 -5.65 11.57
C LEU A 169 9.21 -5.47 10.85
N LEU A 170 8.11 -5.72 11.56
CA LEU A 170 6.78 -5.60 10.99
C LEU A 170 5.86 -4.63 11.73
N TRP A 171 5.29 -3.69 10.98
CA TRP A 171 4.34 -2.73 11.54
C TRP A 171 2.98 -3.15 10.98
N SER A 172 1.93 -3.04 11.81
CA SER A 172 0.58 -3.38 11.39
C SER A 172 -0.26 -2.14 11.70
N LEU A 173 -0.84 -1.54 10.66
CA LEU A 173 -1.61 -0.31 10.81
C LEU A 173 -3.02 -0.46 11.39
N LEU A 174 -3.64 -1.61 11.16
CA LEU A 174 -5.00 -1.84 11.64
C LEU A 174 -5.04 -2.94 12.68
N PRO A 175 -6.04 -2.88 13.57
CA PRO A 175 -6.14 -3.92 14.60
C PRO A 175 -6.32 -5.29 13.95
N LYS A 176 -5.71 -6.31 14.55
CA LYS A 176 -5.83 -7.67 14.05
C LYS A 176 -7.09 -8.23 14.68
N GLU A 177 -8.24 -7.69 14.27
CA GLU A 177 -9.52 -8.11 14.81
C GLU A 177 -10.50 -8.40 13.68
N PHE A 178 -11.49 -9.24 13.95
CA PHE A 178 -12.48 -9.58 12.93
C PHE A 178 -13.34 -8.38 12.51
N ASP A 179 -13.24 -7.27 13.23
CA ASP A 179 -14.00 -6.08 12.87
C ASP A 179 -13.50 -5.56 11.51
N PHE A 180 -12.27 -5.94 11.15
CA PHE A 180 -11.67 -5.51 9.89
C PHE A 180 -11.53 -6.69 8.94
N ASP A 181 -11.66 -6.42 7.63
CA ASP A 181 -11.55 -7.47 6.62
C ASP A 181 -10.26 -7.28 5.81
N MET A 182 -9.31 -6.57 6.39
CA MET A 182 -8.04 -6.28 5.74
C MET A 182 -7.07 -5.73 6.76
N ASN A 183 -5.87 -5.40 6.29
CA ASN A 183 -4.84 -4.79 7.11
C ASN A 183 -3.79 -4.23 6.17
N MET A 184 -2.97 -3.32 6.68
CA MET A 184 -1.91 -2.69 5.92
C MET A 184 -0.69 -2.82 6.81
N HIS A 185 0.44 -3.19 6.22
CA HIS A 185 1.65 -3.35 6.97
C HIS A 185 2.84 -2.68 6.33
N ILE A 186 3.92 -2.60 7.10
CA ILE A 186 5.17 -2.06 6.61
C ILE A 186 6.20 -3.07 7.10
N LEU A 187 7.04 -3.54 6.20
CA LEU A 187 8.09 -4.48 6.55
C LEU A 187 9.41 -3.77 6.30
N SER A 188 10.39 -4.03 7.17
CA SER A 188 11.71 -3.44 7.03
C SER A 188 12.74 -4.53 7.24
N PHE A 189 13.63 -4.72 6.27
CA PHE A 189 14.66 -5.76 6.36
C PHE A 189 16.06 -5.18 6.45
N GLU A 190 16.91 -5.82 7.24
CA GLU A 190 18.31 -5.42 7.35
C GLU A 190 18.94 -6.04 6.10
N PRO A 191 20.05 -5.47 5.61
CA PRO A 191 20.67 -6.05 4.41
C PRO A 191 20.96 -7.56 4.56
N GLY A 192 20.51 -8.33 3.58
CA GLY A 192 20.74 -9.77 3.62
C GLY A 192 19.66 -10.56 4.33
N ALA A 193 18.81 -9.87 5.09
CA ALA A 193 17.72 -10.51 5.83
C ALA A 193 16.64 -10.97 4.85
N SER A 194 15.72 -11.81 5.33
CA SER A 194 14.67 -12.34 4.45
C SER A 194 13.53 -13.02 5.21
N HIS A 195 12.47 -13.35 4.47
CA HIS A 195 11.33 -14.05 5.04
C HIS A 195 11.86 -15.40 5.48
N ALA A 196 11.21 -16.04 6.45
CA ALA A 196 11.66 -17.34 6.92
C ALA A 196 11.42 -18.43 5.89
N TYR A 197 10.43 -18.26 5.04
CA TYR A 197 10.13 -19.24 3.99
C TYR A 197 9.25 -18.64 2.90
N ILE A 198 9.19 -19.32 1.77
CA ILE A 198 8.39 -18.89 0.63
C ILE A 198 6.94 -19.22 0.93
N GLU A 199 6.09 -18.20 0.88
CA GLU A 199 4.68 -18.36 1.19
C GLU A 199 3.74 -18.57 0.02
N THR A 200 2.67 -19.32 0.30
CA THR A 200 1.65 -19.59 -0.69
C THR A 200 0.35 -19.56 0.11
N HIS A 201 -0.37 -18.44 -0.01
CA HIS A 201 -1.62 -18.26 0.73
C HIS A 201 -2.67 -17.53 -0.08
N VAL A 202 -3.93 -17.72 0.29
CA VAL A 202 -5.03 -17.11 -0.44
C VAL A 202 -5.03 -15.58 -0.47
N GLN A 203 -4.52 -14.92 0.58
CA GLN A 203 -4.52 -13.45 0.60
C GLN A 203 -3.63 -12.84 -0.48
N GLU A 204 -4.06 -11.68 -0.98
CA GLU A 204 -3.35 -10.93 -2.00
C GLU A 204 -2.55 -9.83 -1.32
N HIS A 205 -1.63 -9.22 -2.06
CA HIS A 205 -0.83 -8.11 -1.57
C HIS A 205 -0.62 -7.07 -2.65
N GLY A 206 -0.70 -5.81 -2.25
CA GLY A 206 -0.44 -4.70 -3.14
C GLY A 206 0.71 -4.03 -2.40
N ALA A 207 1.93 -4.14 -2.91
CA ALA A 207 3.09 -3.58 -2.23
C ALA A 207 3.83 -2.46 -2.98
N TYR A 208 4.22 -1.44 -2.23
CA TYR A 208 4.95 -0.32 -2.82
C TYR A 208 6.25 -0.14 -2.02
N LEU A 209 7.39 -0.30 -2.69
CA LEU A 209 8.68 -0.18 -2.01
C LEU A 209 9.03 1.28 -1.76
N ILE A 210 9.31 1.61 -0.51
CA ILE A 210 9.62 2.99 -0.15
C ILE A 210 11.07 3.20 0.26
N SER A 211 11.82 2.10 0.36
CA SER A 211 13.22 2.18 0.74
C SER A 211 14.01 0.95 0.30
N GLY A 212 15.27 1.16 -0.02
CA GLY A 212 16.18 0.08 -0.39
C GLY A 212 15.96 -0.75 -1.66
N GLN A 213 16.54 -1.94 -1.65
CA GLN A 213 16.48 -2.87 -2.77
C GLN A 213 16.35 -4.30 -2.27
N GLY A 214 15.99 -5.21 -3.16
CA GLY A 214 15.87 -6.60 -2.77
C GLY A 214 15.80 -7.52 -3.95
N MET A 215 15.86 -8.83 -3.68
CA MET A 215 15.72 -9.84 -4.72
C MET A 215 14.41 -10.48 -4.30
N TYR A 216 13.37 -10.30 -5.10
CA TYR A 216 12.07 -10.82 -4.77
C TYR A 216 11.67 -12.06 -5.56
N ASN A 217 11.28 -13.10 -4.84
CA ASN A 217 10.82 -14.34 -5.46
C ASN A 217 9.34 -14.17 -5.74
N LEU A 218 8.96 -14.23 -7.03
CA LEU A 218 7.57 -14.12 -7.41
C LEU A 218 7.29 -15.32 -8.32
N ASP A 219 6.46 -16.24 -7.84
CA ASP A 219 6.13 -17.44 -8.59
C ASP A 219 7.42 -18.22 -8.87
N ASN A 220 8.33 -18.19 -7.90
CA ASN A 220 9.61 -18.89 -7.99
C ASN A 220 10.55 -18.40 -9.09
N GLU A 221 10.44 -17.11 -9.39
CA GLU A 221 11.30 -16.46 -10.36
C GLU A 221 11.82 -15.27 -9.54
N TRP A 222 13.14 -15.12 -9.45
CA TRP A 222 13.73 -14.04 -8.64
C TRP A 222 14.05 -12.77 -9.42
N TYR A 223 13.59 -11.62 -8.91
CA TYR A 223 13.79 -10.33 -9.55
C TYR A 223 14.39 -9.23 -8.69
N PRO A 224 15.33 -8.45 -9.24
CA PRO A 224 15.90 -7.36 -8.44
C PRO A 224 14.79 -6.31 -8.39
N VAL A 225 14.49 -5.76 -7.21
CA VAL A 225 13.46 -4.75 -7.07
C VAL A 225 14.00 -3.60 -6.23
N GLU A 226 13.37 -2.43 -6.33
CA GLU A 226 13.85 -1.25 -5.61
C GLU A 226 12.74 -0.27 -5.24
N LYS A 227 13.10 0.67 -4.38
CA LYS A 227 12.20 1.74 -3.94
C LYS A 227 11.61 2.38 -5.20
N GLY A 228 10.29 2.59 -5.20
CA GLY A 228 9.66 3.18 -6.37
C GLY A 228 8.91 2.13 -7.17
N ASP A 229 9.21 0.86 -6.91
CA ASP A 229 8.56 -0.26 -7.58
C ASP A 229 7.26 -0.63 -6.90
N TYR A 230 6.24 -0.95 -7.69
CA TYR A 230 4.99 -1.42 -7.13
C TYR A 230 4.99 -2.91 -7.44
N ILE A 231 4.57 -3.71 -6.47
CA ILE A 231 4.52 -5.16 -6.68
C ILE A 231 3.15 -5.70 -6.32
N PHE A 232 2.52 -6.38 -7.27
CA PHE A 232 1.22 -6.99 -7.03
C PHE A 232 1.46 -8.49 -6.88
N MET A 233 0.92 -9.05 -5.81
CA MET A 233 1.05 -10.48 -5.57
C MET A 233 -0.35 -11.06 -5.49
N SER A 234 -0.74 -11.81 -6.53
CA SER A 234 -2.09 -12.39 -6.56
C SER A 234 -2.19 -13.51 -5.54
N ALA A 235 -3.42 -13.97 -5.29
CA ALA A 235 -3.65 -15.05 -4.35
C ALA A 235 -2.80 -16.27 -4.69
N TYR A 236 -2.19 -16.86 -3.65
CA TYR A 236 -1.36 -18.06 -3.80
C TYR A 236 0.01 -17.97 -4.48
N VAL A 237 0.34 -16.86 -5.11
CA VAL A 237 1.66 -16.83 -5.77
C VAL A 237 2.80 -17.01 -4.80
N PRO A 238 3.72 -17.95 -5.09
CA PRO A 238 4.88 -18.20 -4.22
C PRO A 238 5.58 -16.85 -4.06
N GLN A 239 5.98 -16.52 -2.84
CA GLN A 239 6.61 -15.22 -2.61
C GLN A 239 7.52 -15.17 -1.39
N ALA A 240 8.60 -14.40 -1.50
CA ALA A 240 9.59 -14.21 -0.43
C ALA A 240 10.66 -13.29 -0.99
N ALA A 241 11.49 -12.71 -0.13
CA ALA A 241 12.53 -11.82 -0.62
C ALA A 241 13.76 -11.76 0.26
N TYR A 242 14.86 -11.36 -0.36
CA TYR A 242 16.13 -11.15 0.33
C TYR A 242 16.38 -9.66 0.21
N ALA A 243 16.68 -8.99 1.32
CA ALA A 243 16.98 -7.56 1.26
C ALA A 243 18.38 -7.49 0.70
N VAL A 244 18.61 -6.52 -0.19
CA VAL A 244 19.89 -6.38 -0.84
C VAL A 244 20.34 -4.91 -0.81
N GLY A 245 21.64 -4.66 -0.97
CA GLY A 245 22.14 -3.29 -0.93
C GLY A 245 22.53 -2.97 0.50
N ARG A 246 23.32 -1.93 0.72
CA ARG A 246 23.73 -1.60 2.08
C ARG A 246 23.64 -0.12 2.46
N GLU A 247 22.96 0.67 1.64
CA GLU A 247 22.81 2.10 1.92
C GLU A 247 21.60 2.35 2.81
N GLU A 248 20.60 1.48 2.68
CA GLU A 248 19.38 1.60 3.46
C GLU A 248 18.66 0.27 3.53
N PRO A 249 17.71 0.13 4.46
CA PRO A 249 16.98 -1.12 4.57
C PRO A 249 15.90 -1.24 3.49
N LEU A 250 15.51 -2.47 3.21
CA LEU A 250 14.45 -2.72 2.23
C LEU A 250 13.17 -2.49 3.02
N MET A 251 12.33 -1.58 2.53
CA MET A 251 11.07 -1.29 3.20
C MET A 251 9.94 -1.12 2.22
N TYR A 252 8.79 -1.70 2.53
CA TYR A 252 7.64 -1.54 1.69
C TYR A 252 6.34 -1.59 2.49
N VAL A 253 5.37 -0.82 2.03
CA VAL A 253 4.05 -0.79 2.64
C VAL A 253 3.24 -1.72 1.77
N TYR A 254 2.40 -2.56 2.38
CA TYR A 254 1.59 -3.49 1.60
C TYR A 254 0.26 -3.79 2.27
N SER A 255 -0.74 -4.07 1.44
CA SER A 255 -2.06 -4.40 1.92
C SER A 255 -2.31 -5.90 1.85
N LYS A 256 -3.44 -6.32 2.40
CA LYS A 256 -3.84 -7.71 2.35
C LYS A 256 -5.27 -7.84 2.82
N ASP A 257 -6.02 -8.73 2.18
CA ASP A 257 -7.38 -9.00 2.58
C ASP A 257 -7.19 -9.97 3.74
N ALA A 258 -8.12 -9.98 4.70
CA ALA A 258 -7.95 -10.87 5.83
C ALA A 258 -9.21 -11.05 6.68
N ASN A 259 -9.15 -12.01 7.58
CA ASN A 259 -10.23 -12.28 8.53
C ASN A 259 -11.59 -12.63 7.96
N ARG A 260 -11.61 -13.14 6.73
CA ARG A 260 -12.88 -13.50 6.11
C ARG A 260 -12.72 -14.80 5.35
N GLU A 261 -13.81 -15.34 4.85
CA GLU A 261 -13.75 -16.57 4.08
C GLU A 261 -14.09 -16.24 2.63
N PRO A 262 -13.55 -17.01 1.70
CA PRO A 262 -13.82 -16.77 0.29
C PRO A 262 -15.31 -16.97 0.05
N GLU A 263 -15.91 -16.13 -0.77
CA GLU A 263 -17.33 -16.28 -1.05
C GLU A 263 -17.51 -17.07 -2.32
N LEU A 264 -18.58 -17.88 -2.37
CA LEU A 264 -18.88 -18.69 -3.54
C LEU A 264 -20.07 -18.09 -4.28
#